data_3C2F
#
_entry.id   3C2F
#
_cell.length_a   154.905
_cell.length_b   154.905
_cell.length_c   70.570
_cell.angle_alpha   90.00
_cell.angle_beta   90.00
_cell.angle_gamma   120.00
#
_symmetry.space_group_name_H-M   'H 3 2'
#
loop_
_entity.id
_entity.type
_entity.pdbx_description
1 polymer 'Nicotinate-nucleotide pyrophosphorylase'
2 non-polymer 1-O-pyrophosphono-5-O-phosphono-alpha-D-ribofuranose
3 water water
#
_entity_poly.entity_id   1
_entity_poly.type   'polypeptide(L)'
_entity_poly.pdbx_seq_one_letter_code
;PVYEHLLPVNGAWRQDVTNWLSEDVPSFDFGGYVVGSDLKEANLYCKQDGMLCGVPFAQEVFNQCELQVEWLFKEGSFLE
PSKNDSGKIVVAKITGPAKNILLAERTALNILSRSSGIATASHKIISLARSTGYKGTIAGTRKTTPGLRRLEKYSMLVGG
CDTHRYDLSSMVMLKDNHIWATGSITNAVKNARAVCGFAVKIEVECLSEDEATEAIEAGADVIMLDNFKGDGLKMCAQSL
KNKWNGKKHFLLECSGGLNLDNLEEYLCDDIDIYSTSSIHQGTPVIDFSLKLAH
;
_entity_poly.pdbx_strand_id   A
#
# COMPACT_ATOMS: atom_id res chain seq x y z
N PRO A 1 -0.59 -8.33 17.17
CA PRO A 1 -0.31 -8.32 15.72
C PRO A 1 0.39 -7.03 15.27
N VAL A 2 1.49 -7.19 14.55
CA VAL A 2 2.27 -6.07 14.04
C VAL A 2 2.34 -6.19 12.52
N TYR A 3 1.91 -5.16 11.81
CA TYR A 3 1.89 -5.18 10.35
C TYR A 3 3.20 -5.60 9.68
N GLU A 4 4.31 -5.06 10.15
CA GLU A 4 5.60 -5.38 9.57
C GLU A 4 5.91 -6.87 9.57
N HIS A 5 5.17 -7.63 10.36
CA HIS A 5 5.35 -9.09 10.39
C HIS A 5 4.85 -9.72 9.09
N LEU A 6 4.18 -8.93 8.26
CA LEU A 6 3.69 -9.44 6.98
C LEU A 6 4.91 -9.65 6.07
N LEU A 7 5.95 -8.83 6.26
CA LEU A 7 7.15 -8.94 5.45
C LEU A 7 8.06 -10.08 5.93
N PRO A 8 8.48 -10.95 5.00
CA PRO A 8 9.35 -12.08 5.37
C PRO A 8 10.72 -11.56 5.82
N VAL A 9 11.26 -12.14 6.88
CA VAL A 9 12.56 -11.73 7.41
C VAL A 9 13.53 -11.54 6.24
N ASN A 10 13.46 -12.42 5.26
CA ASN A 10 14.28 -12.23 4.07
C ASN A 10 13.45 -12.61 2.85
N GLY A 11 13.74 -11.95 1.74
CA GLY A 11 13.01 -12.21 0.51
C GLY A 11 13.31 -11.08 -0.45
N ALA A 12 12.67 -11.09 -1.60
CA ALA A 12 12.87 -10.09 -2.64
C ALA A 12 12.77 -8.62 -2.21
N TRP A 13 11.86 -8.30 -1.30
CA TRP A 13 11.70 -6.89 -0.93
C TRP A 13 12.99 -6.24 -0.45
N ARG A 14 13.84 -6.99 0.23
CA ARG A 14 15.09 -6.38 0.69
C ARG A 14 16.03 -6.10 -0.47
N GLN A 15 15.95 -6.92 -1.51
CA GLN A 15 16.76 -6.71 -2.69
C GLN A 15 16.25 -5.45 -3.39
N ASP A 16 14.93 -5.20 -3.31
CA ASP A 16 14.35 -4.02 -3.94
C ASP A 16 14.97 -2.76 -3.34
N VAL A 17 15.21 -2.80 -2.04
CA VAL A 17 15.79 -1.66 -1.37
C VAL A 17 17.21 -1.42 -1.89
N THR A 18 17.98 -2.50 -2.06
CA THR A 18 19.35 -2.38 -2.56
C THR A 18 19.32 -1.78 -3.96
N ASN A 19 18.35 -2.22 -4.76
CA ASN A 19 18.24 -1.70 -6.11
C ASN A 19 17.82 -0.25 -6.09
N TRP A 20 17.01 0.14 -5.12
CA TRP A 20 16.61 1.53 -5.04
C TRP A 20 17.85 2.35 -4.72
N LEU A 21 18.73 1.81 -3.90
CA LEU A 21 19.95 2.56 -3.57
C LEU A 21 20.86 2.73 -4.80
N SER A 22 21.11 1.62 -5.52
CA SER A 22 21.95 1.62 -6.73
C SER A 22 21.43 2.61 -7.74
N GLU A 23 20.11 2.76 -7.75
CA GLU A 23 19.41 3.68 -8.65
C GLU A 23 19.86 5.13 -8.39
N ASP A 24 20.25 5.41 -7.16
CA ASP A 24 20.68 6.75 -6.77
C ASP A 24 22.20 6.93 -6.90
N VAL A 25 22.95 5.84 -6.96
CA VAL A 25 24.41 5.94 -7.07
C VAL A 25 24.97 5.03 -8.15
N PRO A 26 24.93 5.40 -9.38
CA PRO A 26 25.41 4.48 -10.39
C PRO A 26 26.92 4.34 -10.45
N SER A 27 27.66 5.34 -10.06
CA SER A 27 29.10 5.23 -10.04
C SER A 27 29.91 5.66 -8.83
N PHE A 28 29.83 6.92 -8.45
CA PHE A 28 30.37 7.36 -7.18
C PHE A 28 29.45 8.28 -6.47
N ASP A 29 29.68 8.46 -5.20
CA ASP A 29 28.89 9.38 -4.38
C ASP A 29 29.81 10.50 -3.91
N PHE A 30 30.01 11.47 -4.78
CA PHE A 30 30.87 12.61 -4.50
C PHE A 30 30.59 13.29 -3.17
N GLY A 31 29.32 13.47 -2.84
CA GLY A 31 28.97 14.10 -1.58
C GLY A 31 29.49 13.31 -0.39
N GLY A 32 29.43 11.98 -0.49
CA GLY A 32 29.90 11.14 0.60
C GLY A 32 31.39 11.35 0.82
N TYR A 33 32.09 11.65 -0.27
CA TYR A 33 33.53 11.89 -0.24
C TYR A 33 33.84 13.19 0.50
N VAL A 34 33.12 14.25 0.19
CA VAL A 34 33.38 15.50 0.88
C VAL A 34 32.96 15.43 2.34
N VAL A 35 31.79 14.83 2.60
CA VAL A 35 31.29 14.77 3.96
C VAL A 35 32.06 13.84 4.89
N GLY A 36 32.60 12.75 4.36
CA GLY A 36 33.35 11.83 5.20
C GLY A 36 32.51 10.90 6.09
N SER A 37 33.18 10.24 7.02
CA SER A 37 32.53 9.28 7.89
C SER A 37 32.37 9.60 9.37
N ASP A 38 32.58 10.85 9.77
CA ASP A 38 32.41 11.18 11.17
C ASP A 38 31.00 10.79 11.64
N LEU A 39 30.92 10.22 12.84
CA LEU A 39 29.64 9.82 13.38
C LEU A 39 28.76 11.05 13.60
N LYS A 40 27.50 10.97 13.17
CA LYS A 40 26.60 12.10 13.33
C LYS A 40 25.26 11.64 13.87
N GLU A 41 24.44 12.62 14.24
CA GLU A 41 23.09 12.37 14.73
C GLU A 41 22.18 13.12 13.78
N ALA A 42 20.93 12.70 13.70
CA ALA A 42 19.98 13.36 12.83
C ALA A 42 18.57 12.98 13.23
N ASN A 43 17.63 13.83 12.85
CA ASN A 43 16.23 13.60 13.16
C ASN A 43 15.47 13.47 11.86
N LEU A 44 14.49 12.57 11.84
CA LEU A 44 13.65 12.37 10.68
C LEU A 44 12.35 13.11 11.04
N TYR A 45 11.97 14.08 10.22
CA TYR A 45 10.77 14.86 10.49
C TYR A 45 9.57 14.58 9.60
N CYS A 46 8.39 14.76 10.18
CA CYS A 46 7.13 14.62 9.47
C CYS A 46 6.68 16.09 9.42
N LYS A 47 6.39 16.59 8.22
CA LYS A 47 5.99 17.99 8.07
C LYS A 47 4.53 18.20 7.69
N GLN A 48 3.74 17.14 7.68
CA GLN A 48 2.34 17.28 7.33
C GLN A 48 1.52 16.27 8.11
N ASP A 49 0.28 16.63 8.38
CA ASP A 49 -0.65 15.78 9.12
C ASP A 49 -1.03 14.54 8.31
N GLY A 50 -0.87 13.37 8.92
CA GLY A 50 -1.22 12.12 8.25
C GLY A 50 -0.71 10.92 9.00
N MET A 51 -1.02 9.72 8.51
CA MET A 51 -0.59 8.49 9.18
C MET A 51 0.83 8.05 8.78
N LEU A 52 1.61 7.65 9.77
CA LEU A 52 2.98 7.19 9.57
C LEU A 52 3.01 5.79 8.98
N CYS A 53 3.53 5.64 7.76
CA CYS A 53 3.60 4.32 7.13
C CYS A 53 4.88 4.12 6.34
N GLY A 54 5.37 2.88 6.30
CA GLY A 54 6.60 2.59 5.58
C GLY A 54 7.80 2.34 6.46
N VAL A 55 7.58 2.16 7.76
CA VAL A 55 8.67 1.93 8.71
C VAL A 55 9.64 0.80 8.37
N PRO A 56 9.12 -0.43 8.23
CA PRO A 56 10.04 -1.54 7.89
C PRO A 56 10.84 -1.29 6.61
N PHE A 57 10.23 -0.59 5.65
CA PHE A 57 10.92 -0.31 4.41
C PHE A 57 12.04 0.70 4.60
N ALA A 58 11.74 1.81 5.28
CA ALA A 58 12.75 2.83 5.54
C ALA A 58 13.80 2.25 6.49
N GLN A 59 13.37 1.35 7.37
CA GLN A 59 14.28 0.72 8.33
C GLN A 59 15.30 -0.11 7.55
N GLU A 60 14.81 -0.78 6.52
CA GLU A 60 15.69 -1.62 5.69
C GLU A 60 16.68 -0.74 4.94
N VAL A 61 16.24 0.46 4.56
CA VAL A 61 17.12 1.39 3.86
C VAL A 61 18.23 1.78 4.85
N PHE A 62 17.84 2.05 6.10
CA PHE A 62 18.80 2.44 7.12
C PHE A 62 19.74 1.30 7.52
N ASN A 63 19.23 0.06 7.56
CA ASN A 63 20.08 -1.08 7.92
C ASN A 63 21.18 -1.29 6.89
N GLN A 64 20.83 -1.23 5.61
CA GLN A 64 21.82 -1.44 4.55
C GLN A 64 22.82 -0.30 4.51
N CYS A 65 22.46 0.84 5.11
CA CYS A 65 23.37 1.97 5.14
C CYS A 65 24.16 1.96 6.46
N GLU A 66 23.97 0.88 7.22
CA GLU A 66 24.67 0.67 8.48
C GLU A 66 24.52 1.84 9.43
N LEU A 67 23.28 2.08 9.82
CA LEU A 67 22.96 3.17 10.74
C LEU A 67 22.20 2.61 11.94
N GLN A 68 22.03 3.45 12.94
CA GLN A 68 21.30 3.08 14.15
C GLN A 68 20.11 4.01 14.22
N VAL A 69 18.93 3.42 14.15
CA VAL A 69 17.70 4.18 14.18
C VAL A 69 16.85 3.89 15.40
N GLU A 70 16.22 4.95 15.91
CA GLU A 70 15.33 4.86 17.06
C GLU A 70 14.02 5.51 16.62
N TRP A 71 12.99 4.69 16.48
CA TRP A 71 11.68 5.20 16.07
C TRP A 71 10.89 5.67 17.29
N LEU A 72 10.45 6.93 17.25
CA LEU A 72 9.69 7.52 18.34
C LEU A 72 8.18 7.24 18.25
N PHE A 73 7.73 6.72 17.11
CA PHE A 73 6.32 6.39 16.95
C PHE A 73 6.12 5.03 16.29
N LYS A 74 5.02 4.37 16.63
CA LYS A 74 4.70 3.07 16.04
C LYS A 74 4.11 3.30 14.66
N GLU A 75 4.42 2.42 13.72
CA GLU A 75 3.87 2.56 12.39
C GLU A 75 2.36 2.48 12.58
N GLY A 76 1.62 3.33 11.87
CA GLY A 76 0.17 3.34 11.99
C GLY A 76 -0.31 4.52 12.80
N SER A 77 0.59 5.13 13.57
CA SER A 77 0.27 6.28 14.39
C SER A 77 -0.15 7.48 13.55
N PHE A 78 -1.11 8.26 14.03
CA PHE A 78 -1.55 9.43 13.28
C PHE A 78 -0.79 10.66 13.78
N LEU A 79 0.11 11.17 12.93
CA LEU A 79 0.92 12.32 13.28
C LEU A 79 0.24 13.63 12.89
N GLU A 80 0.36 14.61 13.78
CA GLU A 80 -0.15 15.95 13.53
C GLU A 80 0.83 17.07 13.88
N PRO A 81 1.84 17.29 13.05
CA PRO A 81 2.72 18.46 13.21
C PRO A 81 1.72 19.52 12.81
N SER A 82 0.77 19.74 13.73
CA SER A 82 -0.21 20.81 13.59
C SER A 82 0.36 21.99 14.35
N LYS A 83 0.86 21.70 15.55
CA LYS A 83 1.69 22.70 16.28
C LYS A 83 2.75 23.43 15.44
N ASN A 84 2.54 24.73 15.27
CA ASN A 84 3.27 25.56 14.33
C ASN A 84 4.56 26.00 15.02
N ASP A 85 4.73 25.54 16.26
CA ASP A 85 5.93 25.86 17.04
C ASP A 85 7.05 25.60 16.04
N SER A 86 6.88 24.53 15.27
CA SER A 86 7.83 24.11 14.25
C SER A 86 7.15 23.60 12.99
N GLY A 87 5.95 23.04 13.16
CA GLY A 87 5.22 22.49 12.03
C GLY A 87 5.83 21.16 11.63
N LYS A 88 6.74 20.67 12.46
CA LYS A 88 7.42 19.39 12.23
C LYS A 88 7.32 18.49 13.45
N ILE A 89 7.62 17.21 13.26
CA ILE A 89 7.59 16.21 14.34
C ILE A 89 8.67 15.16 14.11
N VAL A 90 9.56 15.00 15.08
CA VAL A 90 10.62 14.01 14.98
C VAL A 90 10.02 12.63 15.19
N VAL A 91 10.12 11.76 14.18
CA VAL A 91 9.56 10.42 14.29
C VAL A 91 10.66 9.37 14.44
N ALA A 92 11.91 9.80 14.32
CA ALA A 92 13.03 8.88 14.46
C ALA A 92 14.35 9.61 14.60
N LYS A 93 15.22 9.05 15.43
CA LYS A 93 16.54 9.61 15.65
C LYS A 93 17.52 8.64 15.01
N ILE A 94 18.47 9.17 14.23
CA ILE A 94 19.44 8.32 13.54
C ILE A 94 20.89 8.64 13.89
N THR A 95 21.74 7.63 13.87
CA THR A 95 23.17 7.82 14.16
C THR A 95 24.00 6.96 13.22
N GLY A 96 25.14 7.48 12.78
CA GLY A 96 26.02 6.74 11.89
C GLY A 96 26.94 7.66 11.11
N PRO A 97 27.87 7.11 10.32
CA PRO A 97 28.78 7.97 9.55
C PRO A 97 27.99 8.98 8.71
N ALA A 98 28.44 10.22 8.73
CA ALA A 98 27.78 11.28 7.99
C ALA A 98 27.37 10.84 6.57
N LYS A 99 28.32 10.34 5.79
CA LYS A 99 28.02 9.91 4.41
C LYS A 99 26.88 8.88 4.31
N ASN A 100 26.88 7.92 5.21
CA ASN A 100 25.85 6.89 5.21
C ASN A 100 24.46 7.53 5.39
N ILE A 101 24.34 8.43 6.34
CA ILE A 101 23.14 9.21 6.50
C ILE A 101 22.65 9.93 5.27
N LEU A 102 23.50 10.68 4.65
CA LEU A 102 23.17 11.32 3.41
C LEU A 102 22.84 10.49 2.17
N LEU A 103 23.50 9.36 2.00
CA LEU A 103 23.09 8.32 1.09
C LEU A 103 21.71 7.70 1.30
N ALA A 104 21.43 7.21 2.47
CA ALA A 104 20.09 6.85 2.89
C ALA A 104 18.97 7.87 2.67
N GLU A 105 19.26 9.15 2.83
CA GLU A 105 18.24 10.15 3.01
C GLU A 105 17.12 10.09 2.00
N ARG A 106 17.44 10.23 0.75
CA ARG A 106 16.47 10.55 -0.23
C ARG A 106 15.60 9.38 -0.50
N THR A 107 16.18 8.21 -0.57
CA THR A 107 15.46 6.97 -0.66
C THR A 107 14.49 6.67 0.47
N ALA A 108 14.92 6.82 1.70
CA ALA A 108 14.05 6.58 2.85
C ALA A 108 12.87 7.56 2.85
N LEU A 109 13.16 8.83 2.55
CA LEU A 109 12.13 9.86 2.52
C LEU A 109 11.12 9.63 1.40
N ASN A 110 11.61 9.12 0.28
CA ASN A 110 10.74 8.86 -0.86
C ASN A 110 9.83 7.68 -0.56
N ILE A 111 10.29 6.80 0.33
CA ILE A 111 9.49 5.64 0.72
C ILE A 111 8.40 6.10 1.69
N LEU A 112 8.83 6.80 2.73
CA LEU A 112 7.91 7.29 3.74
C LEU A 112 6.83 8.21 3.22
N SER A 113 7.23 9.20 2.44
CA SER A 113 6.28 10.17 1.89
C SER A 113 5.12 9.49 1.17
N ARG A 114 5.46 8.57 0.27
CA ARG A 114 4.47 7.85 -0.53
C ARG A 114 3.71 6.81 0.30
N SER A 115 4.43 6.07 1.14
CA SER A 115 3.79 5.05 1.97
C SER A 115 2.80 5.75 2.91
N SER A 116 3.24 6.83 3.55
CA SER A 116 2.37 7.59 4.45
C SER A 116 1.19 8.19 3.69
N GLY A 117 1.42 8.56 2.43
CA GLY A 117 0.36 9.14 1.62
C GLY A 117 -0.76 8.17 1.33
N ILE A 118 -0.40 6.93 1.00
CA ILE A 118 -1.41 5.92 0.70
C ILE A 118 -2.16 5.53 1.98
N ALA A 119 -1.42 5.34 3.06
CA ALA A 119 -2.04 4.96 4.34
C ALA A 119 -3.06 6.01 4.76
N THR A 120 -2.64 7.28 4.72
CA THR A 120 -3.49 8.41 5.09
C THR A 120 -4.78 8.48 4.26
N ALA A 121 -4.64 8.49 2.95
CA ALA A 121 -5.81 8.52 2.07
C ALA A 121 -6.65 7.28 2.29
N SER A 122 -6.02 6.21 2.75
CA SER A 122 -6.75 4.96 3.00
C SER A 122 -7.57 5.11 4.27
N HIS A 123 -6.94 5.66 5.31
CA HIS A 123 -7.61 5.86 6.57
C HIS A 123 -8.80 6.80 6.45
N LYS A 124 -8.62 7.88 5.67
CA LYS A 124 -9.69 8.86 5.48
C LYS A 124 -10.98 8.27 4.90
N ILE A 125 -10.85 7.37 3.94
CA ILE A 125 -12.03 6.79 3.31
C ILE A 125 -12.68 5.69 4.15
N ILE A 126 -11.89 4.91 4.88
CA ILE A 126 -12.48 3.86 5.70
C ILE A 126 -13.09 4.49 6.95
N SER A 127 -12.56 5.63 7.37
CA SER A 127 -13.11 6.33 8.53
C SER A 127 -14.41 6.96 8.06
N LEU A 128 -14.44 7.36 6.79
CA LEU A 128 -15.62 7.97 6.23
C LEU A 128 -16.73 6.92 6.03
N ALA A 129 -16.40 5.81 5.40
CA ALA A 129 -17.38 4.76 5.18
C ALA A 129 -17.90 4.28 6.53
N ARG A 130 -16.97 4.11 7.47
CA ARG A 130 -17.32 3.64 8.80
C ARG A 130 -18.26 4.60 9.54
N SER A 131 -18.05 5.90 9.37
CA SER A 131 -18.86 6.90 10.06
C SER A 131 -20.32 7.01 9.60
N THR A 132 -20.71 6.23 8.60
CA THR A 132 -22.08 6.26 8.11
C THR A 132 -22.85 5.07 8.64
N GLY A 133 -22.13 4.14 9.24
CA GLY A 133 -22.71 2.93 9.71
C GLY A 133 -22.38 1.74 8.88
N TYR A 134 -21.86 1.96 7.67
CA TYR A 134 -21.46 0.88 6.78
C TYR A 134 -20.51 -0.09 7.47
N LYS A 135 -20.79 -1.37 7.35
CA LYS A 135 -20.07 -2.41 8.05
C LYS A 135 -19.23 -3.27 7.14
N GLY A 136 -19.16 -2.88 5.88
CA GLY A 136 -18.43 -3.60 4.89
C GLY A 136 -17.01 -3.16 4.67
N THR A 137 -16.50 -3.57 3.53
CA THR A 137 -15.13 -3.37 3.13
C THR A 137 -14.94 -2.32 2.08
N ILE A 138 -13.83 -1.62 2.22
CA ILE A 138 -13.38 -0.64 1.25
C ILE A 138 -12.05 -1.20 0.74
N ALA A 139 -11.99 -1.53 -0.55
CA ALA A 139 -10.78 -2.12 -1.10
C ALA A 139 -10.04 -1.25 -2.12
N GLY A 140 -8.83 -1.66 -2.44
CA GLY A 140 -8.00 -0.94 -3.39
C GLY A 140 -8.07 -1.64 -4.74
N THR A 141 -7.09 -1.40 -5.60
CA THR A 141 -7.08 -1.99 -6.94
C THR A 141 -5.69 -2.46 -7.32
N ARG A 142 -5.57 -2.90 -8.57
CA ARG A 142 -4.31 -3.37 -9.13
C ARG A 142 -3.65 -2.22 -9.92
N LYS A 143 -4.21 -1.03 -9.81
CA LYS A 143 -3.69 0.14 -10.51
C LYS A 143 -2.68 0.67 -9.49
N THR A 144 -1.55 -0.03 -9.38
CA THR A 144 -0.49 0.33 -8.45
C THR A 144 0.66 0.81 -9.33
N THR A 145 1.66 1.40 -8.69
CA THR A 145 2.85 1.89 -9.38
C THR A 145 3.71 0.68 -9.74
N PRO A 146 4.05 0.52 -11.03
CA PRO A 146 4.88 -0.60 -11.50
C PRO A 146 6.14 -0.78 -10.69
N GLY A 147 6.36 -1.98 -10.18
CA GLY A 147 7.54 -2.26 -9.39
C GLY A 147 7.38 -1.93 -7.91
N LEU A 148 6.34 -1.20 -7.55
CA LEU A 148 6.15 -0.81 -6.16
C LEU A 148 4.91 -1.44 -5.52
N ARG A 149 4.38 -2.49 -6.13
CA ARG A 149 3.18 -3.13 -5.60
C ARG A 149 3.22 -3.60 -4.16
N ARG A 150 4.32 -4.21 -3.73
CA ARG A 150 4.41 -4.69 -2.37
C ARG A 150 4.19 -3.56 -1.36
N LEU A 151 4.94 -2.47 -1.53
CA LEU A 151 4.86 -1.30 -0.66
C LEU A 151 3.50 -0.60 -0.61
N GLU A 152 2.86 -0.45 -1.76
CA GLU A 152 1.58 0.25 -1.82
C GLU A 152 0.43 -0.55 -1.22
N LYS A 153 0.42 -1.85 -1.45
CA LYS A 153 -0.61 -2.72 -0.89
C LYS A 153 -0.42 -2.72 0.61
N TYR A 154 0.83 -2.87 1.04
CA TYR A 154 1.16 -2.89 2.46
C TYR A 154 0.65 -1.60 3.12
N SER A 155 0.82 -0.49 2.42
CA SER A 155 0.39 0.80 2.94
C SER A 155 -1.12 0.87 3.04
N MET A 156 -1.81 0.13 2.17
CA MET A 156 -3.27 0.10 2.17
C MET A 156 -3.73 -0.56 3.46
N LEU A 157 -3.11 -1.69 3.79
CA LEU A 157 -3.48 -2.43 4.99
C LEU A 157 -3.30 -1.62 6.26
N VAL A 158 -2.15 -0.96 6.39
CA VAL A 158 -1.88 -0.18 7.57
C VAL A 158 -2.90 0.94 7.74
N GLY A 159 -3.43 1.42 6.63
CA GLY A 159 -4.40 2.50 6.65
C GLY A 159 -5.79 2.04 7.06
N GLY A 160 -6.03 0.74 7.04
CA GLY A 160 -7.33 0.22 7.43
C GLY A 160 -8.19 -0.26 6.27
N CYS A 161 -7.65 -0.24 5.06
CA CYS A 161 -8.39 -0.71 3.89
C CYS A 161 -7.95 -2.10 3.44
N ASP A 162 -8.84 -2.83 2.78
CA ASP A 162 -8.54 -4.06 2.06
C ASP A 162 -7.64 -3.82 0.85
N THR A 163 -6.92 -4.84 0.40
CA THR A 163 -6.00 -4.67 -0.69
C THR A 163 -6.59 -5.12 -1.99
N HIS A 164 -7.67 -5.89 -1.87
CA HIS A 164 -8.25 -6.64 -2.94
C HIS A 164 -7.23 -7.67 -3.40
N ARG A 165 -7.48 -8.35 -4.51
CA ARG A 165 -6.55 -9.30 -5.09
C ARG A 165 -5.15 -8.68 -5.35
N TYR A 166 -4.11 -9.37 -4.95
CA TYR A 166 -2.76 -8.88 -5.17
C TYR A 166 -2.38 -8.85 -6.68
N ASP A 167 -2.63 -9.93 -7.39
CA ASP A 167 -2.26 -10.09 -8.77
C ASP A 167 -3.23 -10.99 -9.55
N LEU A 168 -2.79 -11.46 -10.69
CA LEU A 168 -3.60 -12.30 -11.55
C LEU A 168 -3.59 -13.76 -11.16
N SER A 169 -2.70 -14.11 -10.27
CA SER A 169 -2.66 -15.46 -9.80
C SER A 169 -3.36 -15.58 -8.50
N SER A 170 -3.97 -14.51 -8.04
CA SER A 170 -4.49 -14.37 -6.70
C SER A 170 -5.95 -14.76 -6.47
N MET A 171 -6.89 -14.09 -7.09
CA MET A 171 -8.30 -14.39 -6.96
C MET A 171 -8.71 -14.28 -8.38
N VAL A 172 -9.50 -15.19 -8.89
CA VAL A 172 -9.82 -15.09 -10.28
C VAL A 172 -10.85 -13.98 -10.56
N MET A 173 -10.61 -13.18 -11.57
CA MET A 173 -11.54 -12.14 -11.93
C MET A 173 -12.06 -12.29 -13.35
N LEU A 174 -13.28 -12.76 -13.47
CA LEU A 174 -13.91 -12.99 -14.77
C LEU A 174 -14.74 -11.80 -15.24
N LYS A 175 -14.77 -11.62 -16.56
CA LYS A 175 -15.52 -10.54 -17.20
C LYS A 175 -16.18 -11.02 -18.48
N ASP A 176 -16.76 -10.08 -19.22
CA ASP A 176 -17.44 -10.40 -20.47
C ASP A 176 -16.53 -11.11 -21.46
N ASN A 177 -15.31 -10.60 -21.63
CA ASN A 177 -14.35 -11.19 -22.55
C ASN A 177 -14.22 -12.69 -22.27
N HIS A 178 -14.10 -13.03 -21.00
CA HIS A 178 -13.98 -14.43 -20.61
C HIS A 178 -15.29 -15.18 -20.86
N ILE A 179 -16.40 -14.56 -20.45
CA ILE A 179 -17.71 -15.17 -20.63
C ILE A 179 -18.04 -15.37 -22.10
N TRP A 180 -17.66 -14.41 -22.94
CA TRP A 180 -17.92 -14.50 -24.36
C TRP A 180 -17.07 -15.62 -24.95
N ALA A 181 -15.86 -15.75 -24.42
CA ALA A 181 -14.91 -16.75 -24.88
C ALA A 181 -15.39 -18.18 -24.62
N THR A 182 -15.95 -18.43 -23.44
CA THR A 182 -16.43 -19.75 -23.09
C THR A 182 -17.88 -19.98 -23.46
N GLY A 183 -18.55 -18.92 -23.93
CA GLY A 183 -19.94 -19.03 -24.32
C GLY A 183 -20.96 -18.67 -23.25
N SER A 184 -20.54 -18.68 -21.99
CA SER A 184 -21.45 -18.35 -20.90
C SER A 184 -20.73 -18.14 -19.57
N ILE A 185 -21.40 -17.47 -18.64
CA ILE A 185 -20.84 -17.22 -17.32
C ILE A 185 -20.55 -18.58 -16.69
N THR A 186 -21.53 -19.46 -16.76
CA THR A 186 -21.41 -20.80 -16.19
C THR A 186 -20.17 -21.51 -16.71
N ASN A 187 -19.92 -21.38 -18.01
CA ASN A 187 -18.75 -22.01 -18.61
C ASN A 187 -17.46 -21.32 -18.19
N ALA A 188 -17.49 -19.99 -18.13
CA ALA A 188 -16.30 -19.24 -17.71
C ALA A 188 -15.91 -19.65 -16.29
N VAL A 189 -16.91 -19.77 -15.42
CA VAL A 189 -16.66 -20.17 -14.04
C VAL A 189 -16.13 -21.60 -13.94
N LYS A 190 -16.72 -22.52 -14.70
CA LYS A 190 -16.26 -23.92 -14.67
C LYS A 190 -14.78 -24.03 -15.04
N ASN A 191 -14.40 -23.34 -16.12
CA ASN A 191 -13.01 -23.37 -16.55
C ASN A 191 -12.12 -22.67 -15.53
N ALA A 192 -12.58 -21.56 -14.99
CA ALA A 192 -11.80 -20.84 -13.98
C ALA A 192 -11.57 -21.74 -12.79
N ARG A 193 -12.63 -22.41 -12.35
CA ARG A 193 -12.56 -23.32 -11.20
C ARG A 193 -11.61 -24.49 -11.47
N ALA A 194 -11.70 -25.05 -12.67
CA ALA A 194 -10.85 -26.18 -13.04
C ALA A 194 -9.35 -25.94 -12.88
N VAL A 195 -8.92 -24.69 -13.02
CA VAL A 195 -7.50 -24.37 -12.89
C VAL A 195 -7.07 -23.71 -11.59
N CYS A 196 -7.93 -22.87 -11.00
CA CYS A 196 -7.56 -22.23 -9.74
C CYS A 196 -7.88 -23.18 -8.56
N GLY A 197 -8.94 -23.96 -8.69
CA GLY A 197 -9.28 -24.89 -7.63
C GLY A 197 -10.04 -24.32 -6.44
N PHE A 198 -10.04 -25.06 -5.33
CA PHE A 198 -10.77 -24.63 -4.14
C PHE A 198 -10.12 -23.54 -3.30
N ALA A 199 -8.79 -23.53 -3.26
CA ALA A 199 -8.05 -22.54 -2.46
C ALA A 199 -8.14 -21.08 -2.91
N VAL A 200 -8.54 -20.84 -4.16
CA VAL A 200 -8.63 -19.47 -4.66
C VAL A 200 -10.04 -19.03 -5.13
N LYS A 201 -10.48 -17.88 -4.64
CA LYS A 201 -11.80 -17.34 -5.00
C LYS A 201 -11.93 -16.93 -6.46
N ILE A 202 -13.17 -16.95 -6.94
CA ILE A 202 -13.50 -16.55 -8.32
C ILE A 202 -14.51 -15.41 -8.26
N GLU A 203 -14.21 -14.29 -8.93
CA GLU A 203 -15.13 -13.16 -8.95
C GLU A 203 -15.63 -12.90 -10.38
N VAL A 204 -16.90 -12.52 -10.51
CA VAL A 204 -17.50 -12.26 -11.82
C VAL A 204 -18.19 -10.90 -11.95
N GLU A 205 -17.80 -10.15 -12.97
CA GLU A 205 -18.39 -8.84 -13.23
C GLU A 205 -19.73 -9.03 -13.95
N CYS A 206 -20.82 -8.86 -13.22
CA CYS A 206 -22.17 -9.03 -13.78
C CYS A 206 -22.90 -7.71 -14.05
N LEU A 207 -23.73 -7.71 -15.09
CA LEU A 207 -24.49 -6.51 -15.46
C LEU A 207 -26.00 -6.65 -15.30
N SER A 208 -26.44 -7.67 -14.55
CA SER A 208 -27.87 -7.87 -14.34
C SER A 208 -28.11 -8.91 -13.25
N GLU A 209 -29.30 -8.88 -12.65
CA GLU A 209 -29.62 -9.83 -11.60
C GLU A 209 -29.59 -11.26 -12.14
N ASP A 210 -29.75 -11.38 -13.45
CA ASP A 210 -29.72 -12.69 -14.10
C ASP A 210 -28.26 -13.09 -14.29
N GLU A 211 -27.41 -12.10 -14.53
CA GLU A 211 -25.99 -12.34 -14.70
C GLU A 211 -25.51 -12.92 -13.36
N ALA A 212 -25.71 -12.16 -12.30
CA ALA A 212 -25.31 -12.56 -10.96
C ALA A 212 -25.79 -13.98 -10.62
N THR A 213 -27.10 -14.20 -10.69
CA THR A 213 -27.66 -15.51 -10.37
C THR A 213 -26.93 -16.66 -11.06
N GLU A 214 -26.66 -16.53 -12.34
CA GLU A 214 -25.98 -17.59 -13.00
C GLU A 214 -24.58 -17.80 -12.44
N ALA A 215 -23.88 -16.71 -12.22
CA ALA A 215 -22.62 -16.77 -11.53
C ALA A 215 -22.73 -17.38 -10.16
N ILE A 216 -23.75 -17.01 -9.41
CA ILE A 216 -23.92 -17.53 -8.08
C ILE A 216 -24.03 -19.02 -8.19
N GLU A 217 -24.69 -19.48 -9.22
CA GLU A 217 -24.98 -20.88 -9.27
C GLU A 217 -23.91 -21.66 -9.93
N ALA A 218 -23.18 -21.05 -10.86
CA ALA A 218 -21.89 -21.59 -11.26
C ALA A 218 -20.95 -21.77 -10.08
N GLY A 219 -21.16 -21.02 -9.00
CA GLY A 219 -20.30 -21.13 -7.84
C GLY A 219 -19.31 -20.00 -7.64
N ALA A 220 -19.51 -18.87 -8.28
CA ALA A 220 -18.62 -17.75 -8.12
C ALA A 220 -18.57 -17.29 -6.67
N ASP A 221 -17.42 -16.87 -6.21
CA ASP A 221 -17.30 -16.46 -4.82
C ASP A 221 -17.69 -15.03 -4.54
N VAL A 222 -17.49 -14.18 -5.51
CA VAL A 222 -17.79 -12.76 -5.41
C VAL A 222 -18.47 -12.33 -6.70
N ILE A 223 -19.33 -11.33 -6.60
CA ILE A 223 -20.05 -10.82 -7.77
C ILE A 223 -19.91 -9.29 -7.81
N MET A 224 -19.51 -8.77 -8.93
CA MET A 224 -19.46 -7.37 -9.07
C MET A 224 -20.56 -6.86 -9.98
N LEU A 225 -21.48 -6.14 -9.38
CA LEU A 225 -22.57 -5.54 -10.04
C LEU A 225 -22.08 -4.21 -10.51
N ASP A 226 -22.01 -4.03 -11.79
CA ASP A 226 -21.65 -2.72 -12.22
C ASP A 226 -22.48 -2.32 -13.38
N ASN A 227 -23.30 -1.32 -13.17
CA ASN A 227 -23.66 -0.49 -14.26
C ASN A 227 -25.05 -0.79 -14.65
N HIS A 249 -22.15 -18.02 1.42
CA HIS A 249 -22.52 -18.14 0.01
C HIS A 249 -21.68 -17.25 -0.91
N PHE A 250 -21.89 -15.94 -0.85
CA PHE A 250 -21.15 -15.04 -1.73
C PHE A 250 -21.11 -13.59 -1.22
N LEU A 251 -20.31 -12.77 -1.91
CA LEU A 251 -20.18 -11.36 -1.57
C LEU A 251 -20.47 -10.52 -2.79
N LEU A 252 -20.84 -9.26 -2.58
CA LEU A 252 -21.12 -8.37 -3.69
C LEU A 252 -20.16 -7.19 -3.68
N GLU A 253 -19.81 -6.70 -4.86
CA GLU A 253 -18.89 -5.58 -4.97
C GLU A 253 -19.38 -4.55 -5.96
N CYS A 254 -19.05 -3.29 -5.67
CA CYS A 254 -19.38 -2.16 -6.52
C CYS A 254 -18.07 -1.36 -6.61
N SER A 255 -17.68 -0.93 -7.79
CA SER A 255 -16.48 -0.17 -7.93
C SER A 255 -16.52 0.78 -9.12
N GLY A 256 -15.92 1.95 -8.99
CA GLY A 256 -15.93 2.97 -10.01
C GLY A 256 -15.61 4.38 -9.55
N GLY A 257 -15.96 4.71 -8.32
CA GLY A 257 -15.78 6.05 -7.82
C GLY A 257 -15.32 6.14 -6.39
N LEU A 258 -14.78 7.30 -6.10
CA LEU A 258 -14.07 7.70 -4.91
C LEU A 258 -13.70 8.11 -3.52
N ASN A 259 -14.28 9.23 -3.19
CA ASN A 259 -14.68 9.75 -1.93
C ASN A 259 -15.98 10.50 -1.99
N LEU A 260 -17.06 9.76 -2.26
CA LEU A 260 -18.37 10.38 -2.30
C LEU A 260 -19.37 9.48 -1.59
N LEU A 267 -24.07 6.52 -2.26
CA LEU A 267 -23.81 5.26 -2.95
C LEU A 267 -23.65 4.05 -2.06
N CYS A 268 -23.30 4.23 -0.79
CA CYS A 268 -23.10 3.11 0.09
C CYS A 268 -24.40 2.47 0.46
N ASP A 269 -24.39 1.17 0.62
CA ASP A 269 -25.54 0.53 1.14
C ASP A 269 -25.08 -0.73 1.75
N ASP A 270 -25.89 -1.34 2.56
CA ASP A 270 -25.39 -2.43 3.33
C ASP A 270 -25.04 -3.62 2.43
N ILE A 271 -23.91 -3.44 1.71
CA ILE A 271 -23.31 -4.38 0.73
C ILE A 271 -21.85 -4.50 1.16
N ASP A 272 -21.09 -5.27 0.40
CA ASP A 272 -20.01 -6.10 0.89
C ASP A 272 -18.72 -5.40 0.51
N ILE A 273 -18.57 -5.11 -0.75
CA ILE A 273 -17.36 -4.46 -1.22
C ILE A 273 -17.44 -3.23 -2.13
N TYR A 274 -16.65 -2.21 -1.77
CA TYR A 274 -16.56 -1.00 -2.57
C TYR A 274 -15.06 -0.81 -2.84
N SER A 275 -14.69 -0.89 -4.11
CA SER A 275 -13.30 -0.74 -4.51
C SER A 275 -13.07 0.63 -5.11
N THR A 276 -11.87 1.17 -4.90
CA THR A 276 -11.50 2.49 -5.40
C THR A 276 -9.98 2.65 -5.46
N SER A 277 -9.49 3.15 -6.59
CA SER A 277 -8.06 3.39 -6.76
C SER A 277 -7.68 4.73 -6.14
N SER A 278 -8.67 5.45 -5.65
CA SER A 278 -8.42 6.76 -5.04
C SER A 278 -7.57 6.69 -3.76
N ILE A 279 -7.63 5.55 -3.08
CA ILE A 279 -6.84 5.34 -1.89
C ILE A 279 -5.37 5.19 -2.13
N HIS A 280 -4.94 5.01 -3.35
CA HIS A 280 -3.56 4.71 -3.61
C HIS A 280 -3.06 5.45 -4.84
N GLN A 281 -3.70 5.27 -5.98
CA GLN A 281 -3.26 5.84 -7.26
C GLN A 281 -3.37 7.34 -7.35
N GLY A 282 -2.30 8.00 -7.72
CA GLY A 282 -2.31 9.44 -7.87
C GLY A 282 -2.71 10.20 -6.62
N THR A 283 -2.33 9.71 -5.45
CA THR A 283 -2.68 10.37 -4.20
C THR A 283 -1.59 11.33 -3.75
N PRO A 284 -1.97 12.36 -2.99
CA PRO A 284 -0.97 13.32 -2.52
C PRO A 284 0.00 12.56 -1.60
N VAL A 285 1.12 13.19 -1.29
CA VAL A 285 2.13 12.59 -0.44
C VAL A 285 2.18 13.27 0.92
N ILE A 286 2.72 12.57 1.92
CA ILE A 286 2.88 13.15 3.25
C ILE A 286 4.35 13.54 3.35
N ASP A 287 4.62 14.84 3.44
CA ASP A 287 5.98 15.34 3.50
C ASP A 287 6.82 15.00 4.71
N PHE A 288 8.03 14.51 4.43
CA PHE A 288 9.01 14.18 5.46
C PHE A 288 10.34 14.82 5.10
N SER A 289 11.18 15.02 6.11
CA SER A 289 12.49 15.61 5.90
C SER A 289 13.43 14.97 6.91
N LEU A 290 14.73 15.09 6.66
CA LEU A 290 15.75 14.53 7.52
C LEU A 290 16.93 15.50 7.59
N LYS A 291 17.27 16.01 8.75
CA LYS A 291 18.46 16.83 8.90
C LYS A 291 19.40 16.46 10.03
N LEU A 292 20.68 16.54 9.75
CA LEU A 292 21.71 16.31 10.74
C LEU A 292 21.70 17.35 11.85
N ALA A 293 22.21 16.98 13.01
CA ALA A 293 22.18 17.81 14.17
C ALA A 293 22.84 19.18 14.05
N HIS A 294 24.14 19.25 13.76
CA HIS A 294 24.87 20.52 13.92
C HIS A 294 25.96 20.78 12.90
#